data_7NJ9
#
_entry.id   7NJ9
#
_cell.length_a   82.299
_cell.length_b   112.304
_cell.length_c   62.395
_cell.angle_alpha   90.000
_cell.angle_beta   90.000
_cell.angle_gamma   90.000
#
_symmetry.space_group_name_H-M   'C 2 2 21'
#
loop_
_entity.id
_entity.type
_entity.pdbx_description
1 polymer '14-3-3 protein sigma'
2 polymer 'Transcription factor p65'
3 non-polymer 4-(3,4-dihydro-2~{H}-quinolin-1-ylsulfonyl)benzaldehyde
4 non-polymer DI(HYDROXYETHYL)ETHER
5 water water
#
loop_
_entity_poly.entity_id
_entity_poly.type
_entity_poly.pdbx_seq_one_letter_code
_entity_poly.pdbx_strand_id
1 'polypeptide(L)'
;GAMGSMERASLIQKAKLAEQAERYEDMAAFMKGAVEKGEELS(CSO)EERNLLSVAYKNVVGGQRAAWRVLSSIEQKSNE
EGSEEKGPEVREYREKVETELQGVCDTVLGLLDSHLIKEAGDAESRVFYLKMKGDYYRYLAEVATGDDKKRIIDSARSAY
QEAMDISKKEMPPTNPIRLGLALNFSVFHYEIANSPEEAISLAKTTFDEAMADLHTLSEDSYKDSTLIMQLLRDNLTLWT
ADNAGEEGGEAPQEPQS
;
A
2 'polypeptide(L)' EGRSAG(SEP)IPGRRS P
#
loop_
_chem_comp.id
_chem_comp.type
_chem_comp.name
_chem_comp.formula
PEG non-polymer DI(HYDROXYETHYL)ETHER 'C4 H10 O3'
UGE non-polymer 4-(3,4-dihydro-2~{H}-quinolin-1-ylsulfonyl)benzaldehyde 'C16 H15 N O3 S'
#
# COMPACT_ATOMS: atom_id res chain seq x y z
N MET A 3 -10.28 -9.40 19.02
CA MET A 3 -10.88 -8.16 19.50
C MET A 3 -12.38 -8.28 19.49
N GLY A 4 -12.86 -9.52 19.48
CA GLY A 4 -14.27 -9.78 19.29
C GLY A 4 -15.17 -9.21 20.37
N SER A 5 -14.64 -9.03 21.57
N SER A 5 -14.63 -9.01 21.58
CA SER A 5 -15.48 -8.47 22.64
CA SER A 5 -15.43 -8.47 22.66
C SER A 5 -15.44 -6.96 22.71
C SER A 5 -15.45 -6.95 22.71
N MET A 6 -14.64 -6.27 21.90
CA MET A 6 -14.60 -4.83 21.95
C MET A 6 -15.52 -4.22 20.91
N GLU A 7 -16.20 -3.15 21.29
CA GLU A 7 -17.09 -2.44 20.36
C GLU A 7 -16.33 -1.92 19.15
N ARG A 8 -16.98 -1.95 17.99
CA ARG A 8 -16.39 -1.36 16.78
C ARG A 8 -15.90 0.06 17.04
N ALA A 9 -16.75 0.90 17.66
CA ALA A 9 -16.38 2.30 17.78
C ALA A 9 -15.20 2.46 18.71
N SER A 10 -15.10 1.60 19.72
CA SER A 10 -13.95 1.63 20.63
C SER A 10 -12.66 1.19 19.93
N LEU A 11 -12.75 0.19 19.04
CA LEU A 11 -11.59 -0.20 18.26
C LEU A 11 -11.10 0.94 17.39
N ILE A 12 -12.03 1.65 16.73
N ILE A 12 -12.02 1.68 16.77
CA ILE A 12 -11.65 2.78 15.89
CA ILE A 12 -11.58 2.77 15.91
C ILE A 12 -11.00 3.86 16.74
C ILE A 12 -11.02 3.92 16.72
N GLN A 13 -11.60 4.20 17.88
CA GLN A 13 -11.04 5.22 18.75
C GLN A 13 -9.64 4.83 19.22
N LYS A 14 -9.45 3.56 19.59
CA LYS A 14 -8.15 3.11 20.05
C LYS A 14 -7.15 3.05 18.91
N ALA A 15 -7.56 2.78 17.67
CA ALA A 15 -6.63 2.86 16.55
C ALA A 15 -6.12 4.28 16.38
N LYS A 16 -7.00 5.27 16.57
CA LYS A 16 -6.56 6.66 16.45
C LYS A 16 -5.58 7.03 17.56
N LEU A 17 -5.86 6.57 18.77
CA LEU A 17 -4.93 6.78 19.89
C LEU A 17 -3.60 6.09 19.65
N ALA A 18 -3.64 4.85 19.14
CA ALA A 18 -2.40 4.12 18.89
C ALA A 18 -1.56 4.84 17.86
N GLU A 19 -2.17 5.41 16.81
CA GLU A 19 -1.38 6.19 15.87
C GLU A 19 -0.71 7.38 16.54
N GLN A 20 -1.44 8.09 17.41
CA GLN A 20 -0.87 9.26 18.10
C GLN A 20 0.29 8.85 18.98
N ALA A 21 0.22 7.65 19.56
CA ALA A 21 1.28 7.11 20.41
C ALA A 21 2.35 6.36 19.62
N GLU A 22 2.24 6.33 18.28
CA GLU A 22 3.19 5.62 17.43
C GLU A 22 3.30 4.13 17.78
N ARG A 23 2.16 3.55 18.11
CA ARG A 23 2.03 2.13 18.45
C ARG A 23 1.33 1.45 17.28
N TYR A 24 2.08 1.23 16.21
CA TYR A 24 1.44 0.84 14.97
C TYR A 24 1.03 -0.62 14.96
N GLU A 25 1.73 -1.49 15.68
N GLU A 25 1.73 -1.49 15.68
CA GLU A 25 1.26 -2.87 15.81
CA GLU A 25 1.27 -2.86 15.81
C GLU A 25 -0.07 -2.92 16.51
C GLU A 25 -0.07 -2.92 16.51
N ASP A 26 -0.22 -2.16 17.61
CA ASP A 26 -1.53 -2.06 18.26
C ASP A 26 -2.56 -1.50 17.29
N MET A 27 -2.18 -0.46 16.55
CA MET A 27 -3.11 0.16 15.63
C MET A 27 -3.62 -0.82 14.60
N ALA A 28 -2.73 -1.66 14.08
CA ALA A 28 -3.15 -2.64 13.11
C ALA A 28 -4.05 -3.69 13.73
N ALA A 29 -3.76 -4.12 14.96
CA ALA A 29 -4.63 -5.09 15.63
C ALA A 29 -6.02 -4.51 15.89
N PHE A 30 -6.11 -3.24 16.29
CA PHE A 30 -7.41 -2.61 16.47
C PHE A 30 -8.17 -2.54 15.14
N MET A 31 -7.47 -2.18 14.05
CA MET A 31 -8.18 -2.02 12.79
C MET A 31 -8.54 -3.40 12.21
N LYS A 32 -7.74 -4.44 12.43
CA LYS A 32 -8.15 -5.78 12.07
C LYS A 32 -9.43 -6.16 12.79
N GLY A 33 -9.49 -5.89 14.09
CA GLY A 33 -10.71 -6.14 14.84
C GLY A 33 -11.90 -5.37 14.27
N ALA A 34 -11.68 -4.10 13.91
CA ALA A 34 -12.78 -3.33 13.34
C ALA A 34 -13.25 -3.92 12.02
N VAL A 35 -12.34 -4.30 11.14
CA VAL A 35 -12.75 -4.89 9.87
C VAL A 35 -13.54 -6.15 10.12
N GLU A 36 -13.10 -6.95 11.10
CA GLU A 36 -13.75 -8.23 11.36
C GLU A 36 -15.12 -8.09 11.98
N LYS A 37 -15.55 -6.88 12.36
CA LYS A 37 -16.94 -6.68 12.74
C LYS A 37 -17.87 -6.90 11.56
N GLY A 38 -17.36 -6.81 10.33
CA GLY A 38 -18.13 -7.16 9.16
C GLY A 38 -18.80 -6.01 8.45
N GLU A 39 -18.79 -4.80 9.03
N GLU A 39 -18.75 -4.80 9.01
CA GLU A 39 -19.34 -3.65 8.36
CA GLU A 39 -19.33 -3.63 8.37
C GLU A 39 -18.31 -3.04 7.41
C GLU A 39 -18.31 -3.01 7.43
N GLU A 40 -18.81 -2.33 6.40
CA GLU A 40 -17.94 -1.57 5.50
C GLU A 40 -17.21 -0.47 6.29
N LEU A 41 -16.09 0.01 5.74
CA LEU A 41 -15.29 1.05 6.35
C LEU A 41 -15.56 2.37 5.65
N SER A 42 -15.62 3.44 6.41
CA SER A 42 -15.66 4.79 5.86
C SER A 42 -14.28 5.21 5.29
N CSO A 43 -14.19 6.38 4.64
N CSO A 43 -14.24 6.35 4.64
CA CSO A 43 -12.92 6.83 4.08
CA CSO A 43 -13.02 6.84 4.10
CB CSO A 43 -13.10 8.15 3.29
CB CSO A 43 -13.35 8.20 3.48
SG CSO A 43 -11.49 8.92 2.84
SG CSO A 43 -11.90 8.94 2.73
C CSO A 43 -11.88 7.00 5.20
C CSO A 43 -11.95 6.96 5.21
O CSO A 43 -10.72 6.61 5.06
O CSO A 43 -10.82 6.50 5.05
OD CSO A 43 -10.80 8.02 1.46
OD CSO A 43 -11.05 9.88 4.00
N GLU A 44 -12.30 7.57 6.32
CA GLU A 44 -11.37 7.76 7.42
C GLU A 44 -10.90 6.42 7.98
N GLU A 45 -11.83 5.48 8.08
CA GLU A 45 -11.46 4.16 8.62
C GLU A 45 -10.55 3.40 7.66
N ARG A 46 -10.77 3.54 6.35
CA ARG A 46 -9.88 2.92 5.38
C ARG A 46 -8.48 3.46 5.52
N ASN A 47 -8.35 4.77 5.73
CA ASN A 47 -7.03 5.33 5.94
C ASN A 47 -6.39 4.82 7.23
N LEU A 48 -7.18 4.65 8.31
CA LEU A 48 -6.59 4.07 9.52
C LEU A 48 -6.04 2.67 9.25
N LEU A 49 -6.81 1.85 8.52
CA LEU A 49 -6.37 0.48 8.22
C LEU A 49 -5.08 0.52 7.41
N SER A 50 -5.04 1.38 6.39
CA SER A 50 -3.85 1.41 5.55
C SER A 50 -2.64 1.95 6.30
N VAL A 51 -2.81 3.04 7.06
CA VAL A 51 -1.68 3.60 7.81
C VAL A 51 -1.09 2.55 8.73
N ALA A 52 -1.94 1.80 9.45
CA ALA A 52 -1.46 0.88 10.45
C ALA A 52 -0.60 -0.19 9.81
N TYR A 53 -1.13 -0.87 8.80
CA TYR A 53 -0.39 -1.96 8.19
C TYR A 53 0.77 -1.46 7.35
N LYS A 54 0.66 -0.30 6.73
CA LYS A 54 1.77 0.19 5.93
C LYS A 54 2.95 0.48 6.84
N ASN A 55 2.69 0.98 8.04
N ASN A 55 2.70 1.00 8.03
CA ASN A 55 3.79 1.26 8.97
CA ASN A 55 3.78 1.25 8.94
C ASN A 55 4.38 -0.04 9.51
C ASN A 55 4.38 -0.05 9.46
N VAL A 56 3.54 -1.02 9.85
CA VAL A 56 4.07 -2.29 10.37
C VAL A 56 4.93 -2.95 9.32
N VAL A 57 4.38 -3.11 8.12
N VAL A 57 4.37 -3.15 8.12
CA VAL A 57 5.14 -3.84 7.11
CA VAL A 57 5.13 -3.84 7.09
C VAL A 57 6.30 -3.00 6.62
C VAL A 57 6.31 -3.00 6.64
N GLY A 58 6.19 -1.66 6.67
CA GLY A 58 7.31 -0.83 6.30
C GLY A 58 8.51 -1.03 7.22
N GLY A 59 8.27 -1.19 8.52
CA GLY A 59 9.36 -1.49 9.43
C GLY A 59 9.93 -2.88 9.18
N GLN A 60 9.08 -3.85 8.87
CA GLN A 60 9.59 -5.19 8.56
C GLN A 60 10.42 -5.19 7.29
N ARG A 61 9.96 -4.48 6.26
CA ARG A 61 10.72 -4.38 5.03
C ARG A 61 12.08 -3.75 5.27
N ALA A 62 12.13 -2.68 6.05
CA ALA A 62 13.41 -2.04 6.33
C ALA A 62 14.35 -3.00 7.05
N ALA A 63 13.82 -3.78 7.99
CA ALA A 63 14.67 -4.72 8.72
C ALA A 63 15.12 -5.85 7.81
N TRP A 64 14.22 -6.36 6.96
CA TRP A 64 14.57 -7.41 6.01
C TRP A 64 15.67 -6.94 5.08
N ARG A 65 15.59 -5.68 4.64
CA ARG A 65 16.64 -5.17 3.76
C ARG A 65 17.98 -5.08 4.46
N VAL A 66 18.00 -4.66 5.73
CA VAL A 66 19.26 -4.64 6.48
C VAL A 66 19.84 -6.04 6.58
N LEU A 67 19.01 -7.00 6.95
CA LEU A 67 19.47 -8.37 7.15
C LEU A 67 19.89 -9.01 5.82
N SER A 68 19.14 -8.74 4.74
N SER A 68 19.15 -8.76 4.74
CA SER A 68 19.47 -9.31 3.44
CA SER A 68 19.53 -9.33 3.45
C SER A 68 20.81 -8.78 2.95
C SER A 68 20.86 -8.78 2.97
N SER A 69 21.11 -7.51 3.23
CA SER A 69 22.39 -6.93 2.83
C SER A 69 23.53 -7.58 3.60
N ILE A 70 23.35 -7.78 4.92
CA ILE A 70 24.38 -8.48 5.70
C ILE A 70 24.58 -9.88 5.18
N GLU A 71 23.49 -10.58 4.89
CA GLU A 71 23.57 -11.95 4.41
C GLU A 71 24.29 -12.04 3.08
N GLN A 72 24.01 -11.10 2.18
CA GLN A 72 24.65 -11.12 0.86
C GLN A 72 26.13 -10.82 0.98
N LYS A 73 26.50 -9.87 1.85
CA LYS A 73 27.92 -9.61 2.09
C LYS A 73 28.62 -10.84 2.67
N SER A 74 27.97 -11.55 3.60
CA SER A 74 28.51 -12.81 4.08
C SER A 74 28.53 -13.88 2.99
N ASN A 75 27.79 -13.66 1.89
CA ASN A 75 27.66 -14.59 0.79
C ASN A 75 27.04 -15.92 1.23
N GLY A 83 28.33 -18.80 10.02
CA GLY A 83 27.29 -19.67 10.55
C GLY A 83 25.92 -19.37 9.98
N PRO A 84 24.92 -20.14 10.41
CA PRO A 84 23.57 -20.00 9.85
C PRO A 84 22.77 -18.81 10.40
N GLU A 85 23.32 -18.02 11.33
CA GLU A 85 22.47 -17.10 12.12
C GLU A 85 21.90 -15.98 11.27
N VAL A 86 22.66 -15.40 10.36
CA VAL A 86 22.13 -14.29 9.59
C VAL A 86 20.98 -14.75 8.70
N ARG A 87 21.18 -15.88 8.01
CA ARG A 87 20.10 -16.43 7.20
C ARG A 87 18.92 -16.80 8.06
N GLU A 88 19.15 -17.42 9.21
CA GLU A 88 18.02 -17.81 10.07
C GLU A 88 17.24 -16.58 10.49
N TYR A 89 17.92 -15.53 10.87
CA TYR A 89 17.20 -14.38 11.39
C TYR A 89 16.52 -13.61 10.26
N ARG A 90 17.18 -13.51 9.09
CA ARG A 90 16.50 -12.94 7.92
C ARG A 90 15.25 -13.74 7.59
N GLU A 91 15.31 -15.07 7.68
CA GLU A 91 14.16 -15.90 7.41
C GLU A 91 13.06 -15.67 8.44
N LYS A 92 13.42 -15.45 9.70
CA LYS A 92 12.42 -15.18 10.73
C LYS A 92 11.69 -13.89 10.40
N VAL A 93 12.43 -12.83 10.10
CA VAL A 93 11.82 -11.54 9.77
C VAL A 93 10.98 -11.67 8.51
N GLU A 94 11.47 -12.41 7.52
CA GLU A 94 10.74 -12.62 6.28
C GLU A 94 9.43 -13.35 6.52
N THR A 95 9.43 -14.35 7.40
CA THR A 95 8.19 -15.09 7.67
C THR A 95 7.19 -14.19 8.38
N GLU A 96 7.65 -13.33 9.29
N GLU A 96 7.66 -13.37 9.31
CA GLU A 96 6.74 -12.42 9.97
CA GLU A 96 6.76 -12.43 9.98
C GLU A 96 6.16 -11.40 9.00
C GLU A 96 6.16 -11.44 8.98
N LEU A 97 7.00 -10.88 8.11
CA LEU A 97 6.51 -9.98 7.05
C LEU A 97 5.46 -10.67 6.18
N GLN A 98 5.74 -11.89 5.72
CA GLN A 98 4.79 -12.61 4.90
C GLN A 98 3.49 -12.83 5.67
N GLY A 99 3.58 -13.10 6.97
CA GLY A 99 2.37 -13.29 7.75
C GLY A 99 1.51 -12.04 7.82
N VAL A 100 2.14 -10.88 7.96
CA VAL A 100 1.36 -9.64 8.01
C VAL A 100 0.73 -9.38 6.64
N CYS A 101 1.49 -9.57 5.56
CA CYS A 101 0.91 -9.40 4.24
C CYS A 101 -0.25 -10.36 4.03
N ASP A 102 -0.10 -11.62 4.43
CA ASP A 102 -1.22 -12.57 4.30
C ASP A 102 -2.42 -12.12 5.13
N THR A 103 -2.18 -11.54 6.31
CA THR A 103 -3.30 -11.05 7.12
C THR A 103 -4.06 -9.94 6.40
N VAL A 104 -3.32 -8.98 5.84
CA VAL A 104 -3.98 -7.88 5.14
C VAL A 104 -4.73 -8.40 3.92
N LEU A 105 -4.07 -9.24 3.13
CA LEU A 105 -4.74 -9.81 1.97
C LEU A 105 -5.98 -10.59 2.38
N GLY A 106 -5.92 -11.27 3.52
CA GLY A 106 -7.11 -11.98 3.99
C GLY A 106 -8.25 -11.06 4.36
N LEU A 107 -7.95 -9.90 4.97
CA LEU A 107 -8.99 -8.93 5.25
C LEU A 107 -9.61 -8.39 3.97
N LEU A 108 -8.77 -8.12 2.99
CA LEU A 108 -9.28 -7.62 1.72
C LEU A 108 -10.16 -8.64 1.02
N ASP A 109 -9.80 -9.91 1.14
CA ASP A 109 -10.55 -10.97 0.49
C ASP A 109 -11.76 -11.41 1.29
N SER A 110 -11.79 -11.12 2.56
CA SER A 110 -12.87 -11.57 3.46
C SER A 110 -13.23 -10.45 4.43
N HIS A 111 -14.00 -9.45 4.00
CA HIS A 111 -14.69 -9.39 2.70
C HIS A 111 -14.72 -7.97 2.15
N LEU A 112 -13.63 -7.22 2.37
CA LEU A 112 -13.66 -5.79 2.07
C LEU A 112 -13.90 -5.52 0.58
N ILE A 113 -13.15 -6.20 -0.29
CA ILE A 113 -13.24 -5.90 -1.72
C ILE A 113 -14.63 -6.23 -2.24
N LYS A 114 -15.15 -7.41 -1.91
CA LYS A 114 -16.42 -7.82 -2.53
C LYS A 114 -17.57 -6.92 -2.10
N GLU A 115 -17.48 -6.28 -0.92
CA GLU A 115 -18.55 -5.39 -0.50
C GLU A 115 -18.35 -3.95 -0.94
N ALA A 116 -17.20 -3.65 -1.57
CA ALA A 116 -16.89 -2.27 -1.96
C ALA A 116 -17.41 -1.99 -3.37
N GLY A 117 -18.47 -1.20 -3.45
CA GLY A 117 -19.11 -0.89 -4.72
C GLY A 117 -18.79 0.49 -5.23
N ASP A 118 -18.53 1.43 -4.33
CA ASP A 118 -18.17 2.74 -4.82
C ASP A 118 -16.74 2.72 -5.33
N ALA A 119 -16.51 3.49 -6.38
CA ALA A 119 -15.20 3.51 -6.99
C ALA A 119 -14.12 3.84 -6.00
N GLU A 120 -14.35 4.80 -5.09
CA GLU A 120 -13.31 5.22 -4.17
C GLU A 120 -12.90 4.09 -3.25
N SER A 121 -13.86 3.36 -2.71
CA SER A 121 -13.52 2.26 -1.82
C SER A 121 -12.90 1.10 -2.59
N ARG A 122 -13.46 0.74 -3.73
CA ARG A 122 -12.96 -0.42 -4.46
C ARG A 122 -11.53 -0.19 -4.95
N VAL A 123 -11.26 0.99 -5.53
CA VAL A 123 -9.90 1.31 -5.95
C VAL A 123 -8.96 1.30 -4.76
N PHE A 124 -9.38 1.89 -3.62
CA PHE A 124 -8.52 1.90 -2.44
C PHE A 124 -8.11 0.49 -2.05
N TYR A 125 -9.09 -0.44 -1.99
CA TYR A 125 -8.77 -1.78 -1.55
C TYR A 125 -7.96 -2.55 -2.57
N LEU A 126 -8.22 -2.36 -3.85
CA LEU A 126 -7.44 -3.04 -4.88
C LEU A 126 -6.00 -2.52 -4.94
N LYS A 127 -5.81 -1.23 -4.70
CA LYS A 127 -4.47 -0.66 -4.55
C LYS A 127 -3.74 -1.31 -3.38
N MET A 128 -4.42 -1.48 -2.24
CA MET A 128 -3.82 -2.18 -1.10
C MET A 128 -3.47 -3.61 -1.49
N LYS A 129 -4.38 -4.29 -2.22
CA LYS A 129 -4.09 -5.67 -2.61
C LYS A 129 -2.83 -5.72 -3.46
N GLY A 130 -2.70 -4.80 -4.42
CA GLY A 130 -1.49 -4.73 -5.22
C GLY A 130 -0.27 -4.49 -4.35
N ASP A 131 -0.36 -3.58 -3.39
CA ASP A 131 0.76 -3.26 -2.52
C ASP A 131 1.23 -4.47 -1.72
N TYR A 132 0.29 -5.22 -1.13
CA TYR A 132 0.72 -6.30 -0.24
C TYR A 132 1.24 -7.49 -1.04
N TYR A 133 0.72 -7.74 -2.24
CA TYR A 133 1.40 -8.70 -3.12
C TYR A 133 2.75 -8.18 -3.57
N ARG A 134 2.89 -6.87 -3.78
CA ARG A 134 4.20 -6.33 -4.13
C ARG A 134 5.19 -6.55 -2.98
N TYR A 135 4.76 -6.35 -1.73
CA TYR A 135 5.68 -6.61 -0.62
C TYR A 135 6.05 -8.09 -0.55
N LEU A 136 5.08 -8.98 -0.79
CA LEU A 136 5.43 -10.41 -0.89
C LEU A 136 6.43 -10.64 -2.01
N ALA A 137 6.27 -9.95 -3.13
CA ALA A 137 7.18 -10.17 -4.28
C ALA A 137 8.59 -9.72 -3.95
N GLU A 138 8.73 -8.69 -3.12
CA GLU A 138 10.06 -8.18 -2.78
C GLU A 138 10.91 -9.26 -2.13
N VAL A 139 10.30 -10.19 -1.40
CA VAL A 139 11.05 -11.23 -0.68
C VAL A 139 10.93 -12.60 -1.33
N ALA A 140 10.19 -12.71 -2.42
CA ALA A 140 9.94 -14.00 -3.04
C ALA A 140 11.07 -14.37 -3.99
N THR A 141 11.28 -15.67 -4.16
CA THR A 141 12.26 -16.15 -5.13
C THR A 141 11.61 -17.13 -6.11
N GLY A 142 12.11 -17.15 -7.34
CA GLY A 142 11.82 -18.27 -8.24
C GLY A 142 10.44 -18.21 -8.86
N ASP A 143 9.73 -19.35 -8.83
CA ASP A 143 8.47 -19.50 -9.58
C ASP A 143 7.26 -18.94 -8.85
N ASP A 144 6.96 -19.43 -7.64
CA ASP A 144 5.85 -18.79 -6.91
C ASP A 144 6.02 -17.28 -6.93
N LYS A 145 7.26 -16.82 -7.07
CA LYS A 145 7.52 -15.40 -7.25
C LYS A 145 6.82 -14.86 -8.50
N LYS A 146 6.79 -15.65 -9.58
CA LYS A 146 6.10 -15.22 -10.79
C LYS A 146 4.61 -15.03 -10.53
N ARG A 147 3.99 -15.98 -9.82
CA ARG A 147 2.56 -15.89 -9.57
C ARG A 147 2.27 -14.75 -8.59
N ILE A 148 3.16 -14.48 -7.64
CA ILE A 148 2.93 -13.37 -6.71
C ILE A 148 3.00 -12.04 -7.46
N ILE A 149 3.96 -11.91 -8.38
CA ILE A 149 4.09 -10.71 -9.19
C ILE A 149 2.83 -10.53 -10.04
N ASP A 150 2.33 -11.62 -10.60
CA ASP A 150 1.13 -11.47 -11.41
C ASP A 150 -0.08 -11.09 -10.58
N SER A 151 -0.15 -11.57 -9.34
CA SER A 151 -1.26 -11.19 -8.47
C SER A 151 -1.21 -9.71 -8.17
N ALA A 152 -0.01 -9.16 -7.95
CA ALA A 152 0.10 -7.71 -7.72
C ALA A 152 -0.34 -6.97 -8.97
N ARG A 153 0.17 -7.39 -10.12
N ARG A 153 0.17 -7.39 -10.12
CA ARG A 153 -0.15 -6.71 -11.37
CA ARG A 153 -0.14 -6.69 -11.36
C ARG A 153 -1.65 -6.70 -11.60
C ARG A 153 -1.64 -6.71 -11.63
N SER A 154 -2.29 -7.85 -11.40
CA SER A 154 -3.71 -7.97 -11.68
C SER A 154 -4.54 -7.06 -10.79
N ALA A 155 -4.17 -6.97 -9.50
CA ALA A 155 -4.90 -6.09 -8.60
C ALA A 155 -4.73 -4.63 -8.99
N TYR A 156 -3.48 -4.21 -9.24
CA TYR A 156 -3.24 -2.84 -9.67
C TYR A 156 -3.96 -2.53 -10.98
N GLN A 157 -3.96 -3.48 -11.91
CA GLN A 157 -4.59 -3.22 -13.21
C GLN A 157 -6.08 -3.04 -13.06
N GLU A 158 -6.74 -3.86 -12.23
CA GLU A 158 -8.18 -3.68 -12.04
C GLU A 158 -8.44 -2.33 -11.40
N ALA A 159 -7.62 -1.94 -10.42
CA ALA A 159 -7.79 -0.63 -9.81
C ALA A 159 -7.57 0.48 -10.82
N MET A 160 -6.57 0.33 -11.71
CA MET A 160 -6.34 1.35 -12.74
C MET A 160 -7.54 1.48 -13.65
N ASP A 161 -8.10 0.34 -14.06
CA ASP A 161 -9.21 0.38 -15.00
C ASP A 161 -10.40 1.12 -14.39
N ILE A 162 -10.71 0.82 -13.13
CA ILE A 162 -11.82 1.52 -12.47
C ILE A 162 -11.49 2.99 -12.31
N SER A 163 -10.26 3.32 -11.87
CA SER A 163 -9.92 4.71 -11.58
C SER A 163 -10.01 5.57 -12.84
N LYS A 164 -9.58 5.03 -13.99
CA LYS A 164 -9.63 5.80 -15.22
C LYS A 164 -11.06 6.04 -15.70
N LYS A 165 -11.97 5.10 -15.44
CA LYS A 165 -13.37 5.24 -15.81
C LYS A 165 -14.16 6.14 -14.85
N GLU A 166 -13.82 6.14 -13.55
CA GLU A 166 -14.70 6.67 -12.52
C GLU A 166 -14.16 7.86 -11.75
N MET A 167 -12.87 8.18 -11.83
CA MET A 167 -12.31 9.27 -11.05
C MET A 167 -11.60 10.26 -11.96
N PRO A 168 -11.57 11.52 -11.57
CA PRO A 168 -10.80 12.52 -12.33
C PRO A 168 -9.32 12.26 -12.19
N PRO A 169 -8.51 12.77 -13.13
CA PRO A 169 -7.08 12.47 -13.12
C PRO A 169 -6.34 13.11 -11.98
N THR A 170 -6.95 14.03 -11.21
CA THR A 170 -6.33 14.58 -10.03
C THR A 170 -6.73 13.87 -8.74
N ASN A 171 -7.64 12.90 -8.80
CA ASN A 171 -8.12 12.27 -7.58
C ASN A 171 -6.94 11.67 -6.82
N PRO A 172 -6.78 11.95 -5.53
CA PRO A 172 -5.57 11.49 -4.85
C PRO A 172 -5.43 9.98 -4.77
N ILE A 173 -6.54 9.25 -4.70
CA ILE A 173 -6.44 7.78 -4.72
C ILE A 173 -5.95 7.30 -6.08
N ARG A 174 -6.52 7.85 -7.15
CA ARG A 174 -6.06 7.54 -8.50
C ARG A 174 -4.58 7.87 -8.65
N LEU A 175 -4.15 9.01 -8.14
CA LEU A 175 -2.74 9.39 -8.23
C LEU A 175 -1.85 8.46 -7.43
N GLY A 176 -2.26 8.12 -6.21
CA GLY A 176 -1.42 7.25 -5.40
C GLY A 176 -1.35 5.85 -5.96
N LEU A 177 -2.46 5.39 -6.53
CA LEU A 177 -2.46 4.10 -7.24
C LEU A 177 -1.44 4.10 -8.36
N ALA A 178 -1.47 5.14 -9.19
CA ALA A 178 -0.53 5.21 -10.30
C ALA A 178 0.90 5.30 -9.80
N LEU A 179 1.14 6.06 -8.73
CA LEU A 179 2.47 6.12 -8.14
C LEU A 179 2.95 4.72 -7.76
N ASN A 180 2.11 3.98 -7.03
CA ASN A 180 2.55 2.68 -6.53
C ASN A 180 2.67 1.67 -7.64
N PHE A 181 1.77 1.71 -8.64
CA PHE A 181 1.88 0.80 -9.77
C PHE A 181 3.13 1.10 -10.58
N SER A 182 3.51 2.39 -10.66
CA SER A 182 4.77 2.71 -11.33
C SER A 182 5.95 2.17 -10.56
N VAL A 183 5.93 2.23 -9.22
CA VAL A 183 7.00 1.60 -8.43
C VAL A 183 7.04 0.09 -8.67
N PHE A 184 5.87 -0.55 -8.71
CA PHE A 184 5.80 -1.96 -9.07
C PHE A 184 6.52 -2.22 -10.40
N HIS A 185 6.20 -1.42 -11.43
CA HIS A 185 6.83 -1.67 -12.74
C HIS A 185 8.33 -1.55 -12.65
N TYR A 186 8.82 -0.53 -11.94
CA TYR A 186 10.26 -0.27 -11.90
C TYR A 186 10.97 -1.30 -11.04
N GLU A 187 10.43 -1.57 -9.86
CA GLU A 187 11.20 -2.32 -8.86
C GLU A 187 10.92 -3.81 -8.85
N ILE A 188 9.74 -4.23 -9.31
CA ILE A 188 9.33 -5.62 -9.23
C ILE A 188 9.31 -6.25 -10.61
N ALA A 189 8.67 -5.58 -11.57
CA ALA A 189 8.37 -6.19 -12.86
C ALA A 189 9.47 -5.98 -13.88
N ASN A 190 10.55 -5.32 -13.52
CA ASN A 190 11.68 -5.09 -14.44
C ASN A 190 11.21 -4.38 -15.71
N SER A 191 10.34 -3.37 -15.54
CA SER A 191 9.76 -2.64 -16.66
C SER A 191 9.97 -1.17 -16.38
N PRO A 192 11.21 -0.69 -16.35
CA PRO A 192 11.42 0.74 -16.04
C PRO A 192 10.78 1.67 -17.06
N GLU A 193 10.73 1.30 -18.33
CA GLU A 193 10.09 2.19 -19.30
C GLU A 193 8.60 2.32 -19.05
N GLU A 194 7.94 1.23 -18.65
CA GLU A 194 6.52 1.30 -18.31
C GLU A 194 6.32 2.15 -17.07
N ALA A 195 7.22 2.03 -16.09
CA ALA A 195 7.16 2.86 -14.88
C ALA A 195 7.25 4.34 -15.22
N ILE A 196 8.23 4.70 -16.05
CA ILE A 196 8.44 6.09 -16.44
C ILE A 196 7.26 6.61 -17.25
N SER A 197 6.77 5.82 -18.20
N SER A 197 6.77 5.83 -18.21
CA SER A 197 5.62 6.25 -18.99
CA SER A 197 5.63 6.26 -19.00
C SER A 197 4.40 6.48 -18.12
C SER A 197 4.39 6.48 -18.12
N LEU A 198 4.12 5.56 -17.20
CA LEU A 198 2.95 5.72 -16.33
C LEU A 198 3.11 6.94 -15.45
N ALA A 199 4.28 7.13 -14.86
CA ALA A 199 4.46 8.29 -13.99
C ALA A 199 4.30 9.59 -14.76
N LYS A 200 4.89 9.67 -15.97
CA LYS A 200 4.81 10.90 -16.78
C LYS A 200 3.38 11.17 -17.22
N THR A 201 2.70 10.18 -17.77
CA THR A 201 1.33 10.39 -18.23
C THR A 201 0.42 10.77 -17.08
N THR A 202 0.59 10.15 -15.92
CA THR A 202 -0.23 10.48 -14.76
C THR A 202 0.02 11.91 -14.32
N PHE A 203 1.29 12.29 -14.27
CA PHE A 203 1.64 13.66 -13.87
C PHE A 203 1.03 14.67 -14.83
N ASP A 204 1.17 14.44 -16.13
CA ASP A 204 0.74 15.43 -17.11
C ASP A 204 -0.77 15.54 -17.13
N GLU A 205 -1.47 14.43 -16.98
CA GLU A 205 -2.91 14.50 -17.03
C GLU A 205 -3.45 15.13 -15.75
N ALA A 206 -2.77 14.95 -14.62
CA ALA A 206 -3.17 15.65 -13.41
C ALA A 206 -2.91 17.15 -13.54
N MET A 207 -1.75 17.52 -14.06
N MET A 207 -1.76 17.53 -14.07
CA MET A 207 -1.43 18.93 -14.24
CA MET A 207 -1.46 18.95 -14.21
C MET A 207 -2.53 19.66 -15.01
C MET A 207 -2.54 19.66 -15.00
N ALA A 208 -3.02 19.03 -16.07
CA ALA A 208 -4.05 19.64 -16.92
C ALA A 208 -5.41 19.73 -16.27
N ASP A 209 -5.64 19.08 -15.14
CA ASP A 209 -6.92 19.12 -14.46
C ASP A 209 -6.85 19.93 -13.16
N LEU A 210 -5.67 20.46 -12.77
CA LEU A 210 -5.55 21.20 -11.52
C LEU A 210 -6.45 22.44 -11.50
N HIS A 211 -6.70 23.04 -12.67
CA HIS A 211 -7.52 24.26 -12.74
C HIS A 211 -8.92 24.08 -12.17
N THR A 212 -9.40 22.83 -12.08
CA THR A 212 -10.74 22.54 -11.59
C THR A 212 -10.83 22.49 -10.08
N LEU A 213 -9.72 22.53 -9.36
CA LEU A 213 -9.67 22.16 -7.96
C LEU A 213 -9.69 23.37 -7.04
N SER A 214 -10.25 23.16 -5.86
CA SER A 214 -10.12 24.09 -4.74
C SER A 214 -8.69 24.10 -4.23
N GLU A 215 -8.40 25.08 -3.36
CA GLU A 215 -7.08 25.15 -2.73
C GLU A 215 -6.73 23.85 -2.02
N ASP A 216 -7.68 23.28 -1.27
CA ASP A 216 -7.35 22.10 -0.49
C ASP A 216 -7.14 20.86 -1.36
N SER A 217 -7.98 20.69 -2.39
CA SER A 217 -7.79 19.58 -3.33
C SER A 217 -6.51 19.77 -4.14
N TYR A 218 -6.23 21.00 -4.55
CA TYR A 218 -4.98 21.31 -5.24
C TYR A 218 -3.78 20.90 -4.42
N LYS A 219 -3.78 21.21 -3.12
CA LYS A 219 -2.65 20.83 -2.27
C LYS A 219 -2.46 19.31 -2.25
N ASP A 220 -3.56 18.57 -2.16
CA ASP A 220 -3.46 17.10 -2.11
C ASP A 220 -2.93 16.56 -3.43
N SER A 221 -3.48 17.02 -4.55
CA SER A 221 -3.05 16.49 -5.85
C SER A 221 -1.61 16.86 -6.15
N THR A 222 -1.22 18.10 -5.86
CA THR A 222 0.15 18.50 -6.14
C THR A 222 1.15 17.79 -5.26
N LEU A 223 0.77 17.43 -4.02
CA LEU A 223 1.68 16.64 -3.19
C LEU A 223 2.04 15.31 -3.86
N ILE A 224 1.05 14.61 -4.38
CA ILE A 224 1.33 13.32 -4.98
C ILE A 224 2.00 13.49 -6.33
N MET A 225 1.65 14.56 -7.04
CA MET A 225 2.38 14.85 -8.26
C MET A 225 3.87 15.05 -8.00
N GLN A 226 4.22 15.68 -6.89
CA GLN A 226 5.64 15.83 -6.59
C GLN A 226 6.30 14.49 -6.30
N LEU A 227 5.58 13.57 -5.67
CA LEU A 227 6.13 12.22 -5.50
C LEU A 227 6.37 11.53 -6.84
N LEU A 228 5.44 11.69 -7.80
CA LEU A 228 5.68 11.14 -9.13
C LEU A 228 6.91 11.78 -9.76
N ARG A 229 7.04 13.11 -9.64
CA ARG A 229 8.19 13.80 -10.20
C ARG A 229 9.48 13.37 -9.51
N ASP A 230 9.44 13.16 -8.19
CA ASP A 230 10.65 12.71 -7.50
C ASP A 230 11.12 11.38 -8.03
N ASN A 231 10.19 10.47 -8.31
CA ASN A 231 10.58 9.19 -8.89
C ASN A 231 11.11 9.38 -10.29
N LEU A 232 10.45 10.20 -11.11
CA LEU A 232 10.92 10.43 -12.46
C LEU A 232 12.34 10.99 -12.47
N THR A 233 12.64 11.88 -11.52
CA THR A 233 14.00 12.42 -11.40
C THR A 233 15.00 11.33 -11.02
N LEU A 234 14.59 10.41 -10.15
CA LEU A 234 15.47 9.32 -9.78
C LEU A 234 15.67 8.35 -10.94
N TRP A 235 14.68 8.17 -11.80
CA TRP A 235 14.71 7.14 -12.82
C TRP A 235 15.25 7.62 -14.15
N THR A 236 15.46 8.91 -14.32
CA THR A 236 15.84 9.47 -15.61
C THR A 236 17.06 10.38 -15.47
N ALA B 5 12.90 4.39 -5.06
CA ALA B 5 11.70 5.14 -5.44
C ALA B 5 10.69 5.12 -4.32
N GLY B 6 9.91 6.19 -4.22
CA GLY B 6 8.93 6.32 -3.17
C GLY B 6 7.53 5.91 -3.58
N SEP B 7 6.89 5.14 -2.71
CA SEP B 7 5.48 4.83 -2.85
CB SEP B 7 5.22 3.37 -2.44
OG SEP B 7 5.71 3.21 -1.10
C SEP B 7 4.66 5.81 -2.00
O SEP B 7 5.24 6.64 -1.29
P SEP B 7 5.82 1.69 -0.59
O1P SEP B 7 6.88 0.95 -1.44
O2P SEP B 7 6.33 1.91 0.89
O3P SEP B 7 4.42 1.06 -0.64
N ILE B 8 3.34 5.71 -2.04
CA ILE B 8 2.50 6.66 -1.30
C ILE B 8 2.71 6.51 0.21
N PRO B 9 2.83 7.61 0.95
CA PRO B 9 2.89 7.49 2.41
C PRO B 9 1.51 7.23 3.00
N GLY B 10 1.50 6.79 4.27
CA GLY B 10 0.22 6.54 4.92
C GLY B 10 -0.55 7.82 5.24
N ARG B 11 0.17 8.90 5.58
CA ARG B 11 -0.42 10.20 5.86
C ARG B 11 0.27 11.25 4.98
N ARG B 12 -0.40 12.38 4.78
CA ARG B 12 0.15 13.44 3.93
C ARG B 12 1.54 13.89 4.36
N SER B 13 1.84 13.86 5.65
CA SER B 13 3.20 14.21 6.11
C SER B 13 4.27 13.21 5.72
C02 UGE C . -3.43 5.25 -1.74
C03 UGE C . -3.97 6.57 -1.23
C04 UGE C . -3.86 7.77 -1.94
C05 UGE C . -4.39 8.91 -1.37
C06 UGE C . -5.03 8.81 -0.13
C10 UGE C . -3.99 10.25 2.68
C11 UGE C . -2.77 9.40 2.48
C12 UGE C . -1.59 10.02 1.77
C13 UGE C . -1.98 11.29 0.95
C14 UGE C . -3.33 11.69 0.83
C15 UGE C . -3.65 12.86 0.10
C16 UGE C . -2.60 13.56 -0.52
C17 UGE C . -1.25 13.17 -0.39
C18 UGE C . -0.95 12.03 0.35
C20 UGE C . -5.16 7.61 0.55
C21 UGE C . -4.61 6.49 -0.01
N09 UGE C . -4.39 10.92 1.49
O08 UGE C . -6.85 9.94 1.51
O19 UGE C . -6.22 11.15 -0.42
S07 UGE C . -5.71 10.28 0.63
C1 PEG D . -4.78 11.74 6.29
O1 PEG D . -5.02 10.46 5.76
C2 PEG D . -3.45 12.25 5.87
O2 PEG D . -3.14 13.31 6.66
C3 PEG D . -1.79 13.66 6.79
C4 PEG D . -1.40 13.94 8.20
O4 PEG D . -0.01 14.23 8.22
#